data_5VSG
# 
_entry.id   5VSG 
# 
_audit_conform.dict_name       mmcif_pdbx.dic 
_audit_conform.dict_version    5.403 
_audit_conform.dict_location   http://mmcif.pdb.org/dictionaries/ascii/mmcif_pdbx.dic 
# 
loop_
_database_2.database_id 
_database_2.database_code 
_database_2.pdbx_database_accession 
_database_2.pdbx_DOI 
PDB   5VSG         pdb_00005vsg 10.2210/pdb5vsg/pdb 
WWPDB D_1000227908 ?            ?                   
# 
loop_
_pdbx_audit_revision_history.ordinal 
_pdbx_audit_revision_history.data_content_type 
_pdbx_audit_revision_history.major_revision 
_pdbx_audit_revision_history.minor_revision 
_pdbx_audit_revision_history.revision_date 
_pdbx_audit_revision_history.part_number 
1 'Structure model' 1 0 2018-06-27 ? 
2 'Structure model' 1 1 2019-07-10 ? 
3 'Structure model' 1 2 2020-01-01 ? 
4 'Structure model' 1 3 2025-04-02 ? 
# 
_pdbx_audit_revision_details.ordinal             1 
_pdbx_audit_revision_details.revision_ordinal    1 
_pdbx_audit_revision_details.data_content_type   'Structure model' 
_pdbx_audit_revision_details.provider            repository 
_pdbx_audit_revision_details.type                'Initial release' 
_pdbx_audit_revision_details.description         ? 
_pdbx_audit_revision_details.details             ? 
# 
loop_
_pdbx_audit_revision_group.ordinal 
_pdbx_audit_revision_group.revision_ordinal 
_pdbx_audit_revision_group.data_content_type 
_pdbx_audit_revision_group.group 
1 2 'Structure model' 'Data collection'            
2 2 'Structure model' 'Database references'        
3 3 'Structure model' 'Author supporting evidence' 
4 4 'Structure model' 'Data collection'            
5 4 'Structure model' 'Database references'        
6 4 'Structure model' 'Structure summary'          
# 
loop_
_pdbx_audit_revision_category.ordinal 
_pdbx_audit_revision_category.revision_ordinal 
_pdbx_audit_revision_category.data_content_type 
_pdbx_audit_revision_category.category 
1 2 'Structure model' citation                  
2 2 'Structure model' citation_author           
3 3 'Structure model' pdbx_audit_support        
4 4 'Structure model' chem_comp_atom            
5 4 'Structure model' chem_comp_bond            
6 4 'Structure model' database_2                
7 4 'Structure model' pdbx_entry_details        
8 4 'Structure model' pdbx_modification_feature 
# 
loop_
_pdbx_audit_revision_item.ordinal 
_pdbx_audit_revision_item.revision_ordinal 
_pdbx_audit_revision_item.data_content_type 
_pdbx_audit_revision_item.item 
1  2 'Structure model' '_citation.country'                        
2  2 'Structure model' '_citation.journal_abbrev'                 
3  2 'Structure model' '_citation.journal_id_ASTM'                
4  2 'Structure model' '_citation.journal_id_CSD'                 
5  2 'Structure model' '_citation.journal_id_ISSN'                
6  2 'Structure model' '_citation.journal_volume'                 
7  2 'Structure model' '_citation.page_first'                     
8  2 'Structure model' '_citation.page_last'                      
9  2 'Structure model' '_citation.pdbx_database_id_DOI'           
10 2 'Structure model' '_citation.pdbx_database_id_PubMed'        
11 2 'Structure model' '_citation.title'                          
12 2 'Structure model' '_citation.year'                           
13 3 'Structure model' '_pdbx_audit_support.funding_organization' 
14 4 'Structure model' '_database_2.pdbx_DOI'                     
15 4 'Structure model' '_database_2.pdbx_database_accession'      
# 
_pdbx_database_status.status_code                     REL 
_pdbx_database_status.status_code_sf                  REL 
_pdbx_database_status.status_code_mr                  ? 
_pdbx_database_status.entry_id                        5VSG 
_pdbx_database_status.recvd_initial_deposition_date   2017-05-11 
_pdbx_database_status.SG_entry                        N 
_pdbx_database_status.deposit_site                    RCSB 
_pdbx_database_status.process_site                    RCSB 
_pdbx_database_status.status_code_cs                  ? 
_pdbx_database_status.methods_development_category    ? 
_pdbx_database_status.pdb_format_compatible           Y 
_pdbx_database_status.status_code_nmr_data            ? 
# 
loop_
_audit_author.name 
_audit_author.pdbx_ordinal 
_audit_author.identifier_ORCID 
'Mondal, S.'      1 ?                   
'Sawaya, M.R.'    2 0000-0003-0874-9043 
'Eisenberg, D.S.' 3 ?                   
'Gazit, E.'       4 ?                   
# 
_citation.abstract                  ? 
_citation.abstract_id_CAS           ? 
_citation.book_id_ISBN              ? 
_citation.book_publisher            ? 
_citation.book_publisher_city       ? 
_citation.book_title                ? 
_citation.coordinate_linkage        ? 
_citation.country                   US 
_citation.database_id_Medline       ? 
_citation.details                   ? 
_citation.id                        primary 
_citation.journal_abbrev            J.Am.Chem.Soc. 
_citation.journal_id_ASTM           JACSAT 
_citation.journal_id_CSD            ? 
_citation.journal_id_ISSN           1520-5126 
_citation.journal_full              ? 
_citation.journal_issue             ? 
_citation.journal_volume            141 
_citation.language                  ? 
_citation.page_first                363 
_citation.page_last                 369 
_citation.title                     'Transition of Metastable Cross-alpha Crystals into Cross-beta Fibrils by beta-Turn Flipping.' 
_citation.year                      2019 
_citation.database_id_CSD           ? 
_citation.pdbx_database_id_DOI      10.1021/jacs.8b10289 
_citation.pdbx_database_id_PubMed   30532955 
_citation.unpublished_flag          ? 
# 
loop_
_citation_author.citation_id 
_citation_author.name 
_citation_author.ordinal 
_citation_author.identifier_ORCID 
primary 'Mondal, S.'           1  0000-0002-1146-8659 
primary 'Jacoby, G.'           2  ?                   
primary 'Sawaya, M.R.'         3  ?                   
primary 'Arnon, Z.A.'          4  0000-0003-2915-5930 
primary 'Adler-Abramovich, L.' 5  0000-0003-3433-0625 
primary 'Rehak, P.'            6  ?                   
primary 'Vukovic, L.'          7  ?                   
primary 'Shimon, L.J.W.'       8  0000-0002-7861-9247 
primary 'Kral, P.'             9  0000-0003-2992-9027 
primary 'Beck, R.'             10 0000-0003-3121-4530 
primary 'Gazit, E.'            11 0000-0001-5764-1720 
# 
loop_
_entity.id 
_entity.type 
_entity.src_method 
_entity.pdbx_description 
_entity.formula_weight 
_entity.pdbx_number_of_molecules 
_entity.pdbx_ec 
_entity.pdbx_mutation 
_entity.pdbx_fragment 
_entity.details 
1 polymer syn 'Super Helical Repeat Peptide SHR-FF' 741.833 1 ? ? ? ? 
2 water   nat water                                 18.015  2 ? ? ? ? 
# 
_entity_poly.entity_id                      1 
_entity_poly.type                           'polypeptide(L)' 
_entity_poly.nstd_linkage                   no 
_entity_poly.nstd_monomer                   yes 
_entity_poly.pdbx_seq_one_letter_code       'S(AIB)FS(AIB)F(AIB)' 
_entity_poly.pdbx_seq_one_letter_code_can   SAFSAFA 
_entity_poly.pdbx_strand_id                 A 
_entity_poly.pdbx_target_identifier         ? 
# 
_pdbx_entity_nonpoly.entity_id   2 
_pdbx_entity_nonpoly.name        water 
_pdbx_entity_nonpoly.comp_id     HOH 
# 
loop_
_entity_poly_seq.entity_id 
_entity_poly_seq.num 
_entity_poly_seq.mon_id 
_entity_poly_seq.hetero 
1 1 SER n 
1 2 AIB n 
1 3 PHE n 
1 4 SER n 
1 5 AIB n 
1 6 PHE n 
1 7 AIB n 
# 
_pdbx_entity_src_syn.entity_id              1 
_pdbx_entity_src_syn.pdbx_src_id            1 
_pdbx_entity_src_syn.pdbx_alt_source_flag   sample 
_pdbx_entity_src_syn.pdbx_beg_seq_num       1 
_pdbx_entity_src_syn.pdbx_end_seq_num       7 
_pdbx_entity_src_syn.organism_scientific    'synthetic construct' 
_pdbx_entity_src_syn.organism_common_name   ? 
_pdbx_entity_src_syn.ncbi_taxonomy_id       32630 
_pdbx_entity_src_syn.details                'de novo design' 
# 
loop_
_chem_comp.id 
_chem_comp.type 
_chem_comp.mon_nstd_flag 
_chem_comp.name 
_chem_comp.pdbx_synonyms 
_chem_comp.formula 
_chem_comp.formula_weight 
AIB 'L-peptide linking' n 'ALPHA-AMINOISOBUTYRIC ACID' ? 'C4 H9 N O2'  103.120 
HOH non-polymer         . WATER                        ? 'H2 O'        18.015  
PHE 'L-peptide linking' y PHENYLALANINE                ? 'C9 H11 N O2' 165.189 
SER 'L-peptide linking' y SERINE                       ? 'C3 H7 N O3'  105.093 
# 
loop_
_pdbx_poly_seq_scheme.asym_id 
_pdbx_poly_seq_scheme.entity_id 
_pdbx_poly_seq_scheme.seq_id 
_pdbx_poly_seq_scheme.mon_id 
_pdbx_poly_seq_scheme.ndb_seq_num 
_pdbx_poly_seq_scheme.pdb_seq_num 
_pdbx_poly_seq_scheme.auth_seq_num 
_pdbx_poly_seq_scheme.pdb_mon_id 
_pdbx_poly_seq_scheme.auth_mon_id 
_pdbx_poly_seq_scheme.pdb_strand_id 
_pdbx_poly_seq_scheme.pdb_ins_code 
_pdbx_poly_seq_scheme.hetero 
A 1 1 SER 1 1 1 SER SER A . n 
A 1 2 AIB 2 2 2 AIB AIB A . n 
A 1 3 PHE 3 3 3 PHE PHE A . n 
A 1 4 SER 4 4 4 SER SER A . n 
A 1 5 AIB 5 5 5 AIB AIB A . n 
A 1 6 PHE 6 6 6 PHE PHE A . n 
A 1 7 AIB 7 7 7 AIB AIB A . n 
# 
loop_
_pdbx_nonpoly_scheme.asym_id 
_pdbx_nonpoly_scheme.entity_id 
_pdbx_nonpoly_scheme.mon_id 
_pdbx_nonpoly_scheme.ndb_seq_num 
_pdbx_nonpoly_scheme.pdb_seq_num 
_pdbx_nonpoly_scheme.auth_seq_num 
_pdbx_nonpoly_scheme.pdb_mon_id 
_pdbx_nonpoly_scheme.auth_mon_id 
_pdbx_nonpoly_scheme.pdb_strand_id 
_pdbx_nonpoly_scheme.pdb_ins_code 
B 2 HOH 1 101 1 HOH HOH A . 
B 2 HOH 2 102 2 HOH HOH A . 
# 
loop_
_software.citation_id 
_software.classification 
_software.compiler_name 
_software.compiler_version 
_software.contact_author 
_software.contact_author_email 
_software.date 
_software.description 
_software.dependencies 
_software.hardware 
_software.language 
_software.location 
_software.mods 
_software.name 
_software.os 
_software.os_version 
_software.type 
_software.version 
_software.pdbx_ordinal 
? 'data collection' ? ? ? ? ? ? ? ? ? ? ? DENZO       ? ? ? .        1 
? 'data scaling'    ? ? ? ? ? ? ? ? ? ? ? SCALEPACK   ? ? ? .        2 
? refinement        ? ? ? ? ? ? ? ? ? ? ? REFMAC      ? ? ? 5.8.0135 3 
? 'data extraction' ? ? ? ? ? ? ? ? ? ? ? PDB_EXTRACT ? ? ? 3.22     4 
? 'data reduction'  ? ? ? ? ? ? ? ? ? ? ? DENZO       ? ? ? .        5 
? phasing           ? ? ? ? ? ? ? ? ? ? ? SHELXD      ? ? ? .        6 
# 
_cell.angle_alpha                  90.000 
_cell.angle_alpha_esd              ? 
_cell.angle_beta                   93.900 
_cell.angle_beta_esd               ? 
_cell.angle_gamma                  90.000 
_cell.angle_gamma_esd              ? 
_cell.entry_id                     5VSG 
_cell.details                      ? 
_cell.formula_units_Z              ? 
_cell.length_a                     5.343 
_cell.length_a_esd                 ? 
_cell.length_b                     20.883 
_cell.length_b_esd                 ? 
_cell.length_c                     16.795 
_cell.length_c_esd                 ? 
_cell.volume                       ? 
_cell.volume_esd                   ? 
_cell.Z_PDB                        2 
_cell.reciprocal_angle_alpha       ? 
_cell.reciprocal_angle_beta        ? 
_cell.reciprocal_angle_gamma       ? 
_cell.reciprocal_angle_alpha_esd   ? 
_cell.reciprocal_angle_beta_esd    ? 
_cell.reciprocal_angle_gamma_esd   ? 
_cell.reciprocal_length_a          ? 
_cell.reciprocal_length_b          ? 
_cell.reciprocal_length_c          ? 
_cell.reciprocal_length_a_esd      ? 
_cell.reciprocal_length_b_esd      ? 
_cell.reciprocal_length_c_esd      ? 
_cell.pdbx_unique_axis             ? 
# 
_symmetry.entry_id                         5VSG 
_symmetry.cell_setting                     ? 
_symmetry.Int_Tables_number                4 
_symmetry.space_group_name_Hall            ? 
_symmetry.space_group_name_H-M             'P 1 21 1' 
_symmetry.pdbx_full_space_group_name_H-M   ? 
# 
_exptl.absorpt_coefficient_mu     ? 
_exptl.absorpt_correction_T_max   ? 
_exptl.absorpt_correction_T_min   ? 
_exptl.absorpt_correction_type    ? 
_exptl.absorpt_process_details    ? 
_exptl.entry_id                   5VSG 
_exptl.crystals_number            1 
_exptl.details                    ? 
_exptl.method                     'X-RAY DIFFRACTION' 
_exptl.method_details             ? 
# 
_exptl_crystal.colour                      ? 
_exptl_crystal.density_diffrn              ? 
_exptl_crystal.density_Matthews            2.5 
_exptl_crystal.density_method              ? 
_exptl_crystal.density_percent_sol         50.6 
_exptl_crystal.description                 ? 
_exptl_crystal.F_000                       ? 
_exptl_crystal.id                          1 
_exptl_crystal.preparation                 ? 
_exptl_crystal.size_max                    ? 
_exptl_crystal.size_mid                    ? 
_exptl_crystal.size_min                    ? 
_exptl_crystal.size_rad                    ? 
_exptl_crystal.colour_lustre               ? 
_exptl_crystal.colour_modifier             ? 
_exptl_crystal.colour_primary              ? 
_exptl_crystal.density_meas                ? 
_exptl_crystal.density_meas_esd            ? 
_exptl_crystal.density_meas_gt             ? 
_exptl_crystal.density_meas_lt             ? 
_exptl_crystal.density_meas_temp           ? 
_exptl_crystal.density_meas_temp_esd       ? 
_exptl_crystal.density_meas_temp_gt        ? 
_exptl_crystal.density_meas_temp_lt        ? 
_exptl_crystal.pdbx_crystal_image_url      ? 
_exptl_crystal.pdbx_crystal_image_format   ? 
_exptl_crystal.pdbx_mosaicity              ? 
_exptl_crystal.pdbx_mosaicity_esd          ? 
# 
_exptl_crystal_grow.apparatus       ? 
_exptl_crystal_grow.atmosphere      ? 
_exptl_crystal_grow.crystal_id      1 
_exptl_crystal_grow.details         ? 
_exptl_crystal_grow.method          'BATCH MODE' 
_exptl_crystal_grow.method_ref      ? 
_exptl_crystal_grow.pH              7.4 
_exptl_crystal_grow.pressure        ? 
_exptl_crystal_grow.pressure_esd    ? 
_exptl_crystal_grow.seeding         ? 
_exptl_crystal_grow.seeding_ref     ? 
_exptl_crystal_grow.temp            310 
_exptl_crystal_grow.temp_details    ? 
_exptl_crystal_grow.temp_esd        ? 
_exptl_crystal_grow.time            ? 
_exptl_crystal_grow.pdbx_details    '5% DMSO, 100 mM HEPES' 
_exptl_crystal_grow.pdbx_pH_range   ? 
# 
_diffrn.ambient_environment    ? 
_diffrn.ambient_temp           100 
_diffrn.ambient_temp_details   ? 
_diffrn.ambient_temp_esd       ? 
_diffrn.crystal_id             1 
_diffrn.crystal_support        ? 
_diffrn.crystal_treatment      ? 
_diffrn.details                ? 
_diffrn.id                     1 
_diffrn.ambient_pressure       ? 
_diffrn.ambient_pressure_esd   ? 
_diffrn.ambient_pressure_gt    ? 
_diffrn.ambient_pressure_lt    ? 
_diffrn.ambient_temp_gt        ? 
_diffrn.ambient_temp_lt        ? 
# 
_diffrn_detector.details                      ? 
_diffrn_detector.detector                     PIXEL 
_diffrn_detector.diffrn_id                    1 
_diffrn_detector.type                         'DECTRIS EIGER X 16M' 
_diffrn_detector.area_resol_mean              ? 
_diffrn_detector.dtime                        ? 
_diffrn_detector.pdbx_frames_total            ? 
_diffrn_detector.pdbx_collection_time_total   ? 
_diffrn_detector.pdbx_collection_date         2017-03-05 
# 
_diffrn_radiation.collimation                      ? 
_diffrn_radiation.diffrn_id                        1 
_diffrn_radiation.filter_edge                      ? 
_diffrn_radiation.inhomogeneity                    ? 
_diffrn_radiation.monochromator                    ? 
_diffrn_radiation.polarisn_norm                    ? 
_diffrn_radiation.polarisn_ratio                   ? 
_diffrn_radiation.probe                            ? 
_diffrn_radiation.type                             ? 
_diffrn_radiation.xray_symbol                      ? 
_diffrn_radiation.wavelength_id                    1 
_diffrn_radiation.pdbx_monochromatic_or_laue_m_l   M 
_diffrn_radiation.pdbx_wavelength_list             ? 
_diffrn_radiation.pdbx_wavelength                  ? 
_diffrn_radiation.pdbx_diffrn_protocol             'SINGLE WAVELENGTH' 
_diffrn_radiation.pdbx_analyzer                    ? 
_diffrn_radiation.pdbx_scattering_type             x-ray 
# 
_diffrn_radiation_wavelength.id           1 
_diffrn_radiation_wavelength.wavelength   0.97918 
_diffrn_radiation_wavelength.wt           1.0 
# 
_diffrn_source.current                     ? 
_diffrn_source.details                     ? 
_diffrn_source.diffrn_id                   1 
_diffrn_source.power                       ? 
_diffrn_source.size                        ? 
_diffrn_source.source                      SYNCHROTRON 
_diffrn_source.target                      ? 
_diffrn_source.type                        'APS BEAMLINE 24-ID-E' 
_diffrn_source.voltage                     ? 
_diffrn_source.take-off_angle              ? 
_diffrn_source.pdbx_wavelength_list        0.97918 
_diffrn_source.pdbx_wavelength             ? 
_diffrn_source.pdbx_synchrotron_beamline   24-ID-E 
_diffrn_source.pdbx_synchrotron_site       APS 
# 
_reflns.B_iso_Wilson_estimate            ? 
_reflns.entry_id                         5VSG 
_reflns.data_reduction_details           ? 
_reflns.data_reduction_method            ? 
_reflns.d_resolution_high                1.100 
_reflns.d_resolution_low                 100.000 
_reflns.details                          ? 
_reflns.limit_h_max                      ? 
_reflns.limit_h_min                      ? 
_reflns.limit_k_max                      ? 
_reflns.limit_k_min                      ? 
_reflns.limit_l_max                      ? 
_reflns.limit_l_min                      ? 
_reflns.number_all                       ? 
_reflns.number_obs                       1367 
_reflns.observed_criterion               ? 
_reflns.observed_criterion_F_max         ? 
_reflns.observed_criterion_F_min         ? 
_reflns.observed_criterion_I_max         ? 
_reflns.observed_criterion_I_min         ? 
_reflns.observed_criterion_sigma_F       ? 
_reflns.observed_criterion_sigma_I       ? 
_reflns.percent_possible_obs             89.200 
_reflns.R_free_details                   ? 
_reflns.Rmerge_F_all                     ? 
_reflns.Rmerge_F_obs                     ? 
_reflns.Friedel_coverage                 ? 
_reflns.number_gt                        ? 
_reflns.threshold_expression             ? 
_reflns.pdbx_redundancy                  3.600 
_reflns.pdbx_Rmerge_I_obs                0.165 
_reflns.pdbx_Rmerge_I_all                ? 
_reflns.pdbx_Rsym_value                  ? 
_reflns.pdbx_netI_over_av_sigmaI         ? 
_reflns.pdbx_netI_over_sigmaI            6.500 
_reflns.pdbx_res_netI_over_av_sigmaI_2   ? 
_reflns.pdbx_res_netI_over_sigmaI_2      ? 
_reflns.pdbx_chi_squared                 1.916 
_reflns.pdbx_scaling_rejects             ? 
_reflns.pdbx_d_res_high_opt              ? 
_reflns.pdbx_d_res_low_opt               ? 
_reflns.pdbx_d_res_opt_method            ? 
_reflns.phase_calculation_details        ? 
_reflns.pdbx_Rrim_I_all                  ? 
_reflns.pdbx_Rpim_I_all                  ? 
_reflns.pdbx_d_opt                       ? 
_reflns.pdbx_number_measured_all         4946 
_reflns.pdbx_diffrn_id                   1 
_reflns.pdbx_ordinal                     1 
_reflns.pdbx_CC_half                     ? 
_reflns.pdbx_R_split                     ? 
# 
loop_
_reflns_shell.d_res_high 
_reflns_shell.d_res_low 
_reflns_shell.meanI_over_sigI_all 
_reflns_shell.meanI_over_sigI_obs 
_reflns_shell.number_measured_all 
_reflns_shell.number_measured_obs 
_reflns_shell.number_possible 
_reflns_shell.number_unique_all 
_reflns_shell.number_unique_obs 
_reflns_shell.percent_possible_all 
_reflns_shell.percent_possible_obs 
_reflns_shell.Rmerge_F_all 
_reflns_shell.Rmerge_F_obs 
_reflns_shell.Rmerge_I_all 
_reflns_shell.Rmerge_I_obs 
_reflns_shell.meanI_over_sigI_gt 
_reflns_shell.meanI_over_uI_all 
_reflns_shell.meanI_over_uI_gt 
_reflns_shell.number_measured_gt 
_reflns_shell.number_unique_gt 
_reflns_shell.percent_possible_gt 
_reflns_shell.Rmerge_F_gt 
_reflns_shell.Rmerge_I_gt 
_reflns_shell.pdbx_redundancy 
_reflns_shell.pdbx_Rsym_value 
_reflns_shell.pdbx_chi_squared 
_reflns_shell.pdbx_netI_over_sigmaI_all 
_reflns_shell.pdbx_netI_over_sigmaI_obs 
_reflns_shell.pdbx_Rrim_I_all 
_reflns_shell.pdbx_Rpim_I_all 
_reflns_shell.pdbx_rejects 
_reflns_shell.pdbx_ordinal 
_reflns_shell.pdbx_diffrn_id 
_reflns_shell.pdbx_CC_half 
_reflns_shell.pdbx_R_split 
1.100 1.140  ? ? ? ? ? ? ? 53.500  ? ? ? ? 0.308 ? ? ? ? ? ? ? ? 1.900 ? 1.685 ? ? ? ? ? 1  1 ? ? 
1.140 1.180  ? ? ? ? ? ? ? 77.400  ? ? ? ? 0.310 ? ? ? ? ? ? ? ? 2.100 ? 1.571 ? ? ? ? ? 2  1 ? ? 
1.180 1.240  ? ? ? ? ? ? ? 90.400  ? ? ? ? 0.333 ? ? ? ? ? ? ? ? 2.900 ? 1.908 ? ? ? ? ? 3  1 ? ? 
1.240 1.300  ? ? ? ? ? ? ? 91.200  ? ? ? ? 0.332 ? ? ? ? ? ? ? ? 3.400 ? 1.914 ? ? ? ? ? 4  1 ? ? 
1.300 1.390  ? ? ? ? ? ? ? 88.500  ? ? ? ? 0.298 ? ? ? ? ? ? ? ? 3.800 ? 1.710 ? ? ? ? ? 5  1 ? ? 
1.390 1.490  ? ? ? ? ? ? ? 100.000 ? ? ? ? 0.273 ? ? ? ? ? ? ? ? 3.900 ? 2.064 ? ? ? ? ? 6  1 ? ? 
1.490 1.640  ? ? ? ? ? ? ? 98.700  ? ? ? ? 0.260 ? ? ? ? ? ? ? ? 4.300 ? 2.263 ? ? ? ? ? 7  1 ? ? 
1.640 1.880  ? ? ? ? ? ? ? 94.400  ? ? ? ? 0.218 ? ? ? ? ? ? ? ? 3.700 ? 2.312 ? ? ? ? ? 8  1 ? ? 
1.880 2.370  ? ? ? ? ? ? ? 98.000  ? ? ? ? 0.177 ? ? ? ? ? ? ? ? 4.600 ? 1.881 ? ? ? ? ? 9  1 ? ? 
2.370 20.883 ? ? ? ? ? ? ? 97.000  ? ? ? ? 0.123 ? ? ? ? ? ? ? ? 4.200 ? 1.460 ? ? ? ? ? 10 1 ? ? 
# 
_refine.aniso_B[1][1]                            -0.1900 
_refine.aniso_B[1][2]                            -0.0000 
_refine.aniso_B[1][3]                            0.1500 
_refine.aniso_B[2][2]                            0.1200 
_refine.aniso_B[2][3]                            0.0000 
_refine.aniso_B[3][3]                            0.0500 
_refine.B_iso_max                                13.420 
_refine.B_iso_mean                               8.2860 
_refine.B_iso_min                                6.930 
_refine.correlation_coeff_Fo_to_Fc               0.9880 
_refine.correlation_coeff_Fo_to_Fc_free          0.9880 
_refine.details                                  
'HYDROGENS HAVE BEEN ADDED IN THE RIDING POSITIONS U VALUES      : REFINED INDIVIDUALLY' 
_refine.diff_density_max                         ? 
_refine.diff_density_max_esd                     ? 
_refine.diff_density_min                         ? 
_refine.diff_density_min_esd                     ? 
_refine.diff_density_rms                         ? 
_refine.diff_density_rms_esd                     ? 
_refine.entry_id                                 5VSG 
_refine.pdbx_refine_id                           'X-RAY DIFFRACTION' 
_refine.ls_abs_structure_details                 ? 
_refine.ls_abs_structure_Flack                   ? 
_refine.ls_abs_structure_Flack_esd               ? 
_refine.ls_abs_structure_Rogers                  ? 
_refine.ls_abs_structure_Rogers_esd              ? 
_refine.ls_d_res_high                            1.1000 
_refine.ls_d_res_low                             16.7600 
_refine.ls_extinction_coef                       ? 
_refine.ls_extinction_coef_esd                   ? 
_refine.ls_extinction_expression                 ? 
_refine.ls_extinction_method                     ? 
_refine.ls_goodness_of_fit_all                   ? 
_refine.ls_goodness_of_fit_all_esd               ? 
_refine.ls_goodness_of_fit_obs                   ? 
_refine.ls_goodness_of_fit_obs_esd               ? 
_refine.ls_hydrogen_treatment                    ? 
_refine.ls_matrix_type                           ? 
_refine.ls_number_constraints                    ? 
_refine.ls_number_parameters                     ? 
_refine.ls_number_reflns_all                     ? 
_refine.ls_number_reflns_obs                     1195 
_refine.ls_number_reflns_R_free                  163 
_refine.ls_number_reflns_R_work                  ? 
_refine.ls_number_restraints                     ? 
_refine.ls_percent_reflns_obs                    89.3400 
_refine.ls_percent_reflns_R_free                 12.0000 
_refine.ls_R_factor_all                          ? 
_refine.ls_R_factor_obs                          0.1169 
_refine.ls_R_factor_R_free                       0.1342 
_refine.ls_R_factor_R_free_error                 ? 
_refine.ls_R_factor_R_free_error_details         ? 
_refine.ls_R_factor_R_work                       0.1143 
_refine.ls_R_Fsqd_factor_obs                     ? 
_refine.ls_R_I_factor_obs                        ? 
_refine.ls_redundancy_reflns_all                 ? 
_refine.ls_redundancy_reflns_obs                 ? 
_refine.ls_restrained_S_all                      ? 
_refine.ls_restrained_S_obs                      ? 
_refine.ls_shift_over_esd_max                    ? 
_refine.ls_shift_over_esd_mean                   ? 
_refine.ls_structure_factor_coef                 ? 
_refine.ls_weighting_details                     ? 
_refine.ls_weighting_scheme                      ? 
_refine.ls_wR_factor_all                         ? 
_refine.ls_wR_factor_obs                         ? 
_refine.ls_wR_factor_R_free                      ? 
_refine.ls_wR_factor_R_work                      ? 
_refine.occupancy_max                            ? 
_refine.occupancy_min                            ? 
_refine.solvent_model_details                    ? 
_refine.solvent_model_param_bsol                 ? 
_refine.solvent_model_param_ksol                 ? 
_refine.ls_R_factor_gt                           ? 
_refine.ls_goodness_of_fit_gt                    ? 
_refine.ls_goodness_of_fit_ref                   ? 
_refine.ls_shift_over_su_max                     ? 
_refine.ls_shift_over_su_max_lt                  ? 
_refine.ls_shift_over_su_mean                    ? 
_refine.ls_shift_over_su_mean_lt                 ? 
_refine.pdbx_ls_sigma_I                          ? 
_refine.pdbx_ls_sigma_F                          0.000 
_refine.pdbx_ls_sigma_Fsqd                       ? 
_refine.pdbx_data_cutoff_high_absF               ? 
_refine.pdbx_data_cutoff_high_rms_absF           ? 
_refine.pdbx_data_cutoff_low_absF                ? 
_refine.pdbx_isotropic_thermal_model             ? 
_refine.pdbx_ls_cross_valid_method               THROUGHOUT 
_refine.pdbx_method_to_determine_struct          'AB INITIO PHASING' 
_refine.pdbx_starting_model                      ? 
_refine.pdbx_stereochemistry_target_values       ? 
_refine.pdbx_R_Free_selection_details            RANDOM 
_refine.pdbx_stereochem_target_val_spec_case     ? 
_refine.pdbx_overall_ESU_R                       0.0380 
_refine.pdbx_overall_ESU_R_Free                  0.0340 
_refine.pdbx_solvent_vdw_probe_radii             ? 
_refine.pdbx_solvent_ion_probe_radii             ? 
_refine.pdbx_solvent_shrinkage_radii             ? 
_refine.pdbx_real_space_R                        ? 
_refine.pdbx_density_correlation                 ? 
_refine.pdbx_pd_number_of_powder_patterns        ? 
_refine.pdbx_pd_number_of_points                 ? 
_refine.pdbx_pd_meas_number_of_points            ? 
_refine.pdbx_pd_proc_ls_prof_R_factor            ? 
_refine.pdbx_pd_proc_ls_prof_wR_factor           ? 
_refine.pdbx_pd_Marquardt_correlation_coeff      ? 
_refine.pdbx_pd_Fsqrd_R_factor                   ? 
_refine.pdbx_pd_ls_matrix_band_width             ? 
_refine.pdbx_overall_phase_error                 ? 
_refine.pdbx_overall_SU_R_free_Cruickshank_DPI   ? 
_refine.pdbx_overall_SU_R_free_Blow_DPI          ? 
_refine.pdbx_overall_SU_R_Blow_DPI               ? 
_refine.pdbx_TLS_residual_ADP_flag               ? 
_refine.pdbx_diffrn_id                           2 
_refine.overall_SU_B                             1.4730 
_refine.overall_SU_ML                            0.0290 
_refine.overall_SU_R_Cruickshank_DPI             0.0382 
_refine.overall_SU_R_free                        ? 
_refine.overall_FOM_free_R_set                   ? 
_refine.overall_FOM_work_R_set                   ? 
_refine.pdbx_average_fsc_overall                 ? 
_refine.pdbx_average_fsc_work                    ? 
_refine.pdbx_average_fsc_free                    ? 
# 
_refine_hist.cycle_id                         final 
_refine_hist.pdbx_refine_id                   'X-RAY DIFFRACTION' 
_refine_hist.d_res_high                       1.1000 
_refine_hist.d_res_low                        16.7600 
_refine_hist.pdbx_number_atoms_ligand         0 
_refine_hist.number_atoms_solvent             2 
_refine_hist.number_atoms_total               55 
_refine_hist.pdbx_number_residues_total       7 
_refine_hist.pdbx_B_iso_mean_solvent          12.73 
_refine_hist.pdbx_number_atoms_protein        53 
_refine_hist.pdbx_number_atoms_nucleic_acid   0 
# 
loop_
_refine_ls_restr.pdbx_refine_id 
_refine_ls_restr.criterion 
_refine_ls_restr.dev_ideal 
_refine_ls_restr.dev_ideal_target 
_refine_ls_restr.number 
_refine_ls_restr.rejects 
_refine_ls_restr.type 
_refine_ls_restr.weight 
_refine_ls_restr.pdbx_restraint_function 
'X-RAY DIFFRACTION' ? 0.012  0.020  54  ? r_bond_refined_d       ? ? 
'X-RAY DIFFRACTION' ? 0.002  0.020  49  ? r_bond_other_d         ? ? 
'X-RAY DIFFRACTION' ? 1.827  2.138  77  ? r_angle_refined_deg    ? ? 
'X-RAY DIFFRACTION' ? 0.680  3.000  106 ? r_angle_other_deg      ? ? 
'X-RAY DIFFRACTION' ? 5.379  5.000  6   ? r_dihedral_angle_1_deg ? ? 
'X-RAY DIFFRACTION' ? 16.441 20.000 2   ? r_dihedral_angle_2_deg ? ? 
'X-RAY DIFFRACTION' ? 12.293 15.000 4   ? r_dihedral_angle_3_deg ? ? 
'X-RAY DIFFRACTION' ? 0.072  0.200  7   ? r_chiral_restr         ? ? 
'X-RAY DIFFRACTION' ? 0.007  0.020  60  ? r_gen_planes_refined   ? ? 
'X-RAY DIFFRACTION' ? 0.001  0.020  16  ? r_gen_planes_other     ? ? 
'X-RAY DIFFRACTION' ? 0.446  3.000  103 ? r_rigid_bond_restr     ? ? 
'X-RAY DIFFRACTION' ? 1.865  5.000  104 ? r_sphericity_bonded    ? ? 
# 
_refine_ls_shell.pdbx_refine_id                   'X-RAY DIFFRACTION' 
_refine_ls_shell.d_res_high                       1.1010 
_refine_ls_shell.d_res_low                        1.1290 
_refine_ls_shell.number_reflns_all                60 
_refine_ls_shell.number_reflns_obs                ? 
_refine_ls_shell.number_reflns_R_free             10 
_refine_ls_shell.number_reflns_R_work             50 
_refine_ls_shell.percent_reflns_obs               53.5700 
_refine_ls_shell.percent_reflns_R_free            ? 
_refine_ls_shell.R_factor_all                     ? 
_refine_ls_shell.R_factor_obs                     ? 
_refine_ls_shell.R_factor_R_free                  0.2030 
_refine_ls_shell.R_factor_R_free_error            0.0000 
_refine_ls_shell.R_factor_R_work                  0.2020 
_refine_ls_shell.redundancy_reflns_all            ? 
_refine_ls_shell.redundancy_reflns_obs            ? 
_refine_ls_shell.wR_factor_all                    ? 
_refine_ls_shell.wR_factor_obs                    ? 
_refine_ls_shell.wR_factor_R_free                 ? 
_refine_ls_shell.wR_factor_R_work                 ? 
_refine_ls_shell.pdbx_total_number_of_bins_used   20 
_refine_ls_shell.pdbx_phase_error                 ? 
_refine_ls_shell.pdbx_fsc_work                    ? 
_refine_ls_shell.pdbx_fsc_free                    ? 
# 
_struct.entry_id                     5VSG 
_struct.title                        'Fibrils of the super helical repeat peptide, SHR-FF, grown at elevated temperature' 
_struct.pdbx_model_details           ? 
_struct.pdbx_formula_weight          ? 
_struct.pdbx_formula_weight_method   ? 
_struct.pdbx_model_type_details      ? 
_struct.pdbx_CASP_flag               N 
# 
_struct_keywords.entry_id        5VSG 
_struct_keywords.text            'fibril, de novo design, DE NOVO PROTEIN' 
_struct_keywords.pdbx_keywords   'DE NOVO PROTEIN' 
# 
loop_
_struct_asym.id 
_struct_asym.pdbx_blank_PDB_chainid_flag 
_struct_asym.pdbx_modified 
_struct_asym.entity_id 
_struct_asym.details 
A N N 1 ? 
B N N 2 ? 
# 
_struct_ref.id                         1 
_struct_ref.db_name                    PDB 
_struct_ref.db_code                    5VSG 
_struct_ref.pdbx_db_accession          5VSG 
_struct_ref.pdbx_db_isoform            ? 
_struct_ref.entity_id                  1 
_struct_ref.pdbx_seq_one_letter_code   ? 
_struct_ref.pdbx_align_begin           1 
# 
_struct_ref_seq.align_id                      1 
_struct_ref_seq.ref_id                        1 
_struct_ref_seq.pdbx_PDB_id_code              5VSG 
_struct_ref_seq.pdbx_strand_id                A 
_struct_ref_seq.seq_align_beg                 1 
_struct_ref_seq.pdbx_seq_align_beg_ins_code   ? 
_struct_ref_seq.seq_align_end                 7 
_struct_ref_seq.pdbx_seq_align_end_ins_code   ? 
_struct_ref_seq.pdbx_db_accession             5VSG 
_struct_ref_seq.db_align_beg                  1 
_struct_ref_seq.pdbx_db_align_beg_ins_code    ? 
_struct_ref_seq.db_align_end                  7 
_struct_ref_seq.pdbx_db_align_end_ins_code    ? 
_struct_ref_seq.pdbx_auth_seq_align_beg       1 
_struct_ref_seq.pdbx_auth_seq_align_end       7 
# 
_pdbx_struct_assembly.id                   1 
_pdbx_struct_assembly.details              author_defined_assembly 
_pdbx_struct_assembly.method_details       ? 
_pdbx_struct_assembly.oligomeric_details   pentameric 
_pdbx_struct_assembly.oligomeric_count     5 
# 
_pdbx_struct_assembly_gen.assembly_id       1 
_pdbx_struct_assembly_gen.oper_expression   1,2,3,4,5 
_pdbx_struct_assembly_gen.asym_id_list      A,B 
# 
_pdbx_struct_assembly_auth_evidence.id                     1 
_pdbx_struct_assembly_auth_evidence.assembly_id            1 
_pdbx_struct_assembly_auth_evidence.experimental_support   'scanning transmission electron microscopy' 
_pdbx_struct_assembly_auth_evidence.details                'Transmission Electron Microscopy' 
# 
loop_
_pdbx_struct_oper_list.id 
_pdbx_struct_oper_list.type 
_pdbx_struct_oper_list.name 
_pdbx_struct_oper_list.symmetry_operation 
_pdbx_struct_oper_list.matrix[1][1] 
_pdbx_struct_oper_list.matrix[1][2] 
_pdbx_struct_oper_list.matrix[1][3] 
_pdbx_struct_oper_list.vector[1] 
_pdbx_struct_oper_list.matrix[2][1] 
_pdbx_struct_oper_list.matrix[2][2] 
_pdbx_struct_oper_list.matrix[2][3] 
_pdbx_struct_oper_list.vector[2] 
_pdbx_struct_oper_list.matrix[3][1] 
_pdbx_struct_oper_list.matrix[3][2] 
_pdbx_struct_oper_list.matrix[3][3] 
_pdbx_struct_oper_list.vector[3] 
1 'identity operation'         1_555 x,y,z   1.0000000000 0.0000000000 0.0000000000 0.0000000000  0.0000000000 1.0000000000 0.0000000000 0.0000000000  0.0000000000 0.0000000000 1.0000000000 0.0000000000  
2 'crystal symmetry operation' 1_455 x-1,y,z 1.0000000000 0.0000000000 0.0000000000 -2.7747994354 0.0000000000 1.0000000000 0.0000000000 2.2846574191  0.0000000000 0.0000000000 1.0000000000 -3.9532869325 
3 'crystal symmetry operation' 1_655 x+1,y,z 1.0000000000 0.0000000000 0.0000000000 2.7747994354  0.0000000000 1.0000000000 0.0000000000 -2.2846574191 0.0000000000 0.0000000000 1.0000000000 3.9532869325  
4 'crystal symmetry operation' 1_355 x-2,y,z 1.0000000000 0.0000000000 0.0000000000 -5.5495988708 0.0000000000 1.0000000000 0.0000000000 4.5693148382  0.0000000000 0.0000000000 1.0000000000 -7.9065738650 
5 'crystal symmetry operation' 1_755 x+2,y,z 1.0000000000 0.0000000000 0.0000000000 5.5495988708  0.0000000000 1.0000000000 0.0000000000 -4.5693148382 0.0000000000 0.0000000000 1.0000000000 7.9065738650 
# 
loop_
_struct_conn.id 
_struct_conn.conn_type_id 
_struct_conn.pdbx_leaving_atom_flag 
_struct_conn.pdbx_PDB_id 
_struct_conn.ptnr1_label_asym_id 
_struct_conn.ptnr1_label_comp_id 
_struct_conn.ptnr1_label_seq_id 
_struct_conn.ptnr1_label_atom_id 
_struct_conn.pdbx_ptnr1_label_alt_id 
_struct_conn.pdbx_ptnr1_PDB_ins_code 
_struct_conn.pdbx_ptnr1_standard_comp_id 
_struct_conn.ptnr1_symmetry 
_struct_conn.ptnr2_label_asym_id 
_struct_conn.ptnr2_label_comp_id 
_struct_conn.ptnr2_label_seq_id 
_struct_conn.ptnr2_label_atom_id 
_struct_conn.pdbx_ptnr2_label_alt_id 
_struct_conn.pdbx_ptnr2_PDB_ins_code 
_struct_conn.ptnr1_auth_asym_id 
_struct_conn.ptnr1_auth_comp_id 
_struct_conn.ptnr1_auth_seq_id 
_struct_conn.ptnr2_auth_asym_id 
_struct_conn.ptnr2_auth_comp_id 
_struct_conn.ptnr2_auth_seq_id 
_struct_conn.ptnr2_symmetry 
_struct_conn.pdbx_ptnr3_label_atom_id 
_struct_conn.pdbx_ptnr3_label_seq_id 
_struct_conn.pdbx_ptnr3_label_comp_id 
_struct_conn.pdbx_ptnr3_label_asym_id 
_struct_conn.pdbx_ptnr3_label_alt_id 
_struct_conn.pdbx_ptnr3_PDB_ins_code 
_struct_conn.details 
_struct_conn.pdbx_dist_value 
_struct_conn.pdbx_value_order 
_struct_conn.pdbx_role 
covale1 covale both ? A SER 1 C ? ? ? 1_555 A AIB 2 N ? ? A SER 1 A AIB 2 1_555 ? ? ? ? ? ? ? 1.332 ? ? 
covale2 covale both ? A AIB 2 C ? ? ? 1_555 A PHE 3 N ? ? A AIB 2 A PHE 3 1_555 ? ? ? ? ? ? ? 1.340 ? ? 
covale3 covale both ? A SER 4 C ? ? ? 1_555 A AIB 5 N ? ? A SER 4 A AIB 5 1_555 ? ? ? ? ? ? ? 1.332 ? ? 
covale4 covale both ? A AIB 5 C ? ? ? 1_555 A PHE 6 N ? ? A AIB 5 A PHE 6 1_555 ? ? ? ? ? ? ? 1.330 ? ? 
covale5 covale both ? A PHE 6 C ? ? ? 1_555 A AIB 7 N ? ? A PHE 6 A AIB 7 1_555 ? ? ? ? ? ? ? 1.335 ? ? 
# 
_struct_conn_type.id          covale 
_struct_conn_type.criteria    ? 
_struct_conn_type.reference   ? 
# 
loop_
_pdbx_modification_feature.ordinal 
_pdbx_modification_feature.label_comp_id 
_pdbx_modification_feature.label_asym_id 
_pdbx_modification_feature.label_seq_id 
_pdbx_modification_feature.label_alt_id 
_pdbx_modification_feature.modified_residue_label_comp_id 
_pdbx_modification_feature.modified_residue_label_asym_id 
_pdbx_modification_feature.modified_residue_label_seq_id 
_pdbx_modification_feature.modified_residue_label_alt_id 
_pdbx_modification_feature.auth_comp_id 
_pdbx_modification_feature.auth_asym_id 
_pdbx_modification_feature.auth_seq_id 
_pdbx_modification_feature.PDB_ins_code 
_pdbx_modification_feature.symmetry 
_pdbx_modification_feature.modified_residue_auth_comp_id 
_pdbx_modification_feature.modified_residue_auth_asym_id 
_pdbx_modification_feature.modified_residue_auth_seq_id 
_pdbx_modification_feature.modified_residue_PDB_ins_code 
_pdbx_modification_feature.modified_residue_symmetry 
_pdbx_modification_feature.comp_id_linking_atom 
_pdbx_modification_feature.modified_residue_id_linking_atom 
_pdbx_modification_feature.modified_residue_id 
_pdbx_modification_feature.ref_pcm_id 
_pdbx_modification_feature.ref_comp_id 
_pdbx_modification_feature.type 
_pdbx_modification_feature.category 
1 AIB A 2 ? . . . . AIB A 2 ? 1_555 . . . . . . . ALA 1 AIB Methylation 'Named protein modification' 
2 AIB A 5 ? . . . . AIB A 5 ? 1_555 . . . . . . . ALA 1 AIB Methylation 'Named protein modification' 
3 AIB A 7 ? . . . . AIB A 7 ? 1_555 . . . . . . . ALA 1 AIB Methylation 'Named protein modification' 
# 
_pdbx_entry_details.entry_id                   5VSG 
_pdbx_entry_details.compound_details           ? 
_pdbx_entry_details.source_details             ? 
_pdbx_entry_details.nonpolymer_details         ? 
_pdbx_entry_details.sequence_details           ? 
_pdbx_entry_details.has_ligand_of_interest     ? 
_pdbx_entry_details.has_protein_modification   Y 
# 
_pdbx_validate_torsion.id              1 
_pdbx_validate_torsion.PDB_model_num   1 
_pdbx_validate_torsion.auth_comp_id    AIB 
_pdbx_validate_torsion.auth_asym_id    A 
_pdbx_validate_torsion.auth_seq_id     2 
_pdbx_validate_torsion.PDB_ins_code    ? 
_pdbx_validate_torsion.label_alt_id    ? 
_pdbx_validate_torsion.phi             46.73 
_pdbx_validate_torsion.psi             -130.70 
# 
loop_
_chem_comp_atom.comp_id 
_chem_comp_atom.atom_id 
_chem_comp_atom.type_symbol 
_chem_comp_atom.pdbx_aromatic_flag 
_chem_comp_atom.pdbx_stereo_config 
_chem_comp_atom.pdbx_ordinal 
AIB N    N N N 1  
AIB CA   C N N 2  
AIB C    C N N 3  
AIB O    O N N 4  
AIB OXT  O N N 5  
AIB CB1  C N N 6  
AIB CB2  C N N 7  
AIB H    H N N 8  
AIB H2   H N N 9  
AIB HXT  H N N 10 
AIB HB11 H N N 11 
AIB HB12 H N N 12 
AIB HB13 H N N 13 
AIB HB21 H N N 14 
AIB HB22 H N N 15 
AIB HB23 H N N 16 
HOH O    O N N 17 
HOH H1   H N N 18 
HOH H2   H N N 19 
PHE N    N N N 20 
PHE CA   C N S 21 
PHE C    C N N 22 
PHE O    O N N 23 
PHE CB   C N N 24 
PHE CG   C Y N 25 
PHE CD1  C Y N 26 
PHE CD2  C Y N 27 
PHE CE1  C Y N 28 
PHE CE2  C Y N 29 
PHE CZ   C Y N 30 
PHE OXT  O N N 31 
PHE H    H N N 32 
PHE H2   H N N 33 
PHE HA   H N N 34 
PHE HB2  H N N 35 
PHE HB3  H N N 36 
PHE HD1  H N N 37 
PHE HD2  H N N 38 
PHE HE1  H N N 39 
PHE HE2  H N N 40 
PHE HZ   H N N 41 
PHE HXT  H N N 42 
SER N    N N N 43 
SER CA   C N S 44 
SER C    C N N 45 
SER O    O N N 46 
SER CB   C N N 47 
SER OG   O N N 48 
SER OXT  O N N 49 
SER H    H N N 50 
SER H2   H N N 51 
SER HA   H N N 52 
SER HB2  H N N 53 
SER HB3  H N N 54 
SER HG   H N N 55 
SER HXT  H N N 56 
# 
loop_
_chem_comp_bond.comp_id 
_chem_comp_bond.atom_id_1 
_chem_comp_bond.atom_id_2 
_chem_comp_bond.value_order 
_chem_comp_bond.pdbx_aromatic_flag 
_chem_comp_bond.pdbx_stereo_config 
_chem_comp_bond.pdbx_ordinal 
AIB N   CA   sing N N 1  
AIB N   H    sing N N 2  
AIB N   H2   sing N N 3  
AIB CA  C    sing N N 4  
AIB CA  CB1  sing N N 5  
AIB CA  CB2  sing N N 6  
AIB C   O    doub N N 7  
AIB C   OXT  sing N N 8  
AIB OXT HXT  sing N N 9  
AIB CB1 HB11 sing N N 10 
AIB CB1 HB12 sing N N 11 
AIB CB1 HB13 sing N N 12 
AIB CB2 HB21 sing N N 13 
AIB CB2 HB22 sing N N 14 
AIB CB2 HB23 sing N N 15 
HOH O   H1   sing N N 16 
HOH O   H2   sing N N 17 
PHE N   CA   sing N N 18 
PHE N   H    sing N N 19 
PHE N   H2   sing N N 20 
PHE CA  C    sing N N 21 
PHE CA  CB   sing N N 22 
PHE CA  HA   sing N N 23 
PHE C   O    doub N N 24 
PHE C   OXT  sing N N 25 
PHE CB  CG   sing N N 26 
PHE CB  HB2  sing N N 27 
PHE CB  HB3  sing N N 28 
PHE CG  CD1  doub Y N 29 
PHE CG  CD2  sing Y N 30 
PHE CD1 CE1  sing Y N 31 
PHE CD1 HD1  sing N N 32 
PHE CD2 CE2  doub Y N 33 
PHE CD2 HD2  sing N N 34 
PHE CE1 CZ   doub Y N 35 
PHE CE1 HE1  sing N N 36 
PHE CE2 CZ   sing Y N 37 
PHE CE2 HE2  sing N N 38 
PHE CZ  HZ   sing N N 39 
PHE OXT HXT  sing N N 40 
SER N   CA   sing N N 41 
SER N   H    sing N N 42 
SER N   H2   sing N N 43 
SER CA  C    sing N N 44 
SER CA  CB   sing N N 45 
SER CA  HA   sing N N 46 
SER C   O    doub N N 47 
SER C   OXT  sing N N 48 
SER CB  OG   sing N N 49 
SER CB  HB2  sing N N 50 
SER CB  HB3  sing N N 51 
SER OG  HG   sing N N 52 
SER OXT HXT  sing N N 53 
# 
loop_
_pdbx_audit_support.funding_organization 
_pdbx_audit_support.country 
_pdbx_audit_support.grant_number 
_pdbx_audit_support.ordinal 
'National Institutes of Health/Office of the Director'                                     'United States' S10OD021527    1 
'National Institutes of Health/National Institute of General Medical Sciences (NIH/NIGMS)' 'United States' 'P41 GM103403' 2 
# 
_atom_sites.entry_id                    5VSG 
_atom_sites.fract_transf_matrix[1][1]   0.09630613 
_atom_sites.fract_transf_matrix[1][2]   -0.09130843 
_atom_sites.fract_transf_matrix[1][3]   0.13258905 
_atom_sites.fract_transf_matrix[2][1]   -0.04078451 
_atom_sites.fract_transf_matrix[2][2]   -0.00900577 
_atom_sites.fract_transf_matrix[2][3]   0.02342197 
_atom_sites.fract_transf_matrix[3][1]   -0.00417736 
_atom_sites.fract_transf_matrix[3][2]   -0.05276841 
_atom_sites.fract_transf_matrix[3][3]   -0.02756350 
_atom_sites.fract_transf_vector[1]      0.806300 
_atom_sites.fract_transf_vector[2]      0.451791 
_atom_sites.fract_transf_vector[3]      0.800266 
# 
loop_
_atom_type.symbol 
C 
N 
O 
# 
loop_
_atom_site.group_PDB 
_atom_site.id 
_atom_site.type_symbol 
_atom_site.label_atom_id 
_atom_site.label_alt_id 
_atom_site.label_comp_id 
_atom_site.label_asym_id 
_atom_site.label_entity_id 
_atom_site.label_seq_id 
_atom_site.pdbx_PDB_ins_code 
_atom_site.Cartn_x 
_atom_site.Cartn_y 
_atom_site.Cartn_z 
_atom_site.occupancy 
_atom_site.B_iso_or_equiv 
_atom_site.pdbx_formal_charge 
_atom_site.auth_seq_id 
_atom_site.auth_comp_id 
_atom_site.auth_asym_id 
_atom_site.auth_atom_id 
_atom_site.pdbx_PDB_model_num 
ATOM   1  N N   . SER A 1 1 ? 1.185  1.820  -1.721 1.00 8.82  ? 1   SER A N   1 
ATOM   2  C CA  . SER A 1 1 ? 2.005  1.032  -2.687 1.00 9.21  ? 1   SER A CA  1 
ATOM   3  C C   . SER A 1 1 ? 1.921  -0.443 -2.292 1.00 8.87  ? 1   SER A C   1 
ATOM   4  O O   . SER A 1 1 ? 1.423  -0.776 -1.216 1.00 8.04  ? 1   SER A O   1 
ATOM   5  C CB  . SER A 1 1 ? 3.465  1.509  -2.684 1.00 9.66  ? 1   SER A CB  1 
ATOM   6  O OG  . SER A 1 1 ? 4.181  0.956  -1.595 1.00 10.16 ? 1   SER A OG  1 
HETATM 7  N N   . AIB A 1 2 ? 2.426  -1.329 -3.149 1.00 8.16  ? 2   AIB A N   1 
HETATM 8  C CA  . AIB A 1 2 ? 2.406  -2.776 -2.869 1.00 8.26  ? 2   AIB A CA  1 
HETATM 9  C C   . AIB A 1 2 ? 1.028  -3.207 -2.379 1.00 7.66  ? 2   AIB A C   1 
HETATM 10 O O   . AIB A 1 2 ? 0.038  -2.820 -2.988 1.00 7.76  ? 2   AIB A O   1 
HETATM 11 C CB1 . AIB A 1 2 ? 2.691  -3.556 -4.139 1.00 8.20  ? 2   AIB A CB1 1 
HETATM 12 C CB2 . AIB A 1 2 ? 3.534  -3.070 -1.898 1.00 8.34  ? 2   AIB A CB2 1 
ATOM   13 N N   . PHE A 1 3 ? 0.935  -3.952 -1.270 1.00 7.41  ? 3   PHE A N   1 
ATOM   14 C CA  . PHE A 1 3 ? -0.345 -4.494 -0.763 1.00 7.52  ? 3   PHE A CA  1 
ATOM   15 C C   . PHE A 1 3 ? -0.983 -3.634 0.310  1.00 7.95  ? 3   PHE A C   1 
ATOM   16 O O   . PHE A 1 3 ? -2.013 -3.989 0.886  1.00 8.83  ? 3   PHE A O   1 
ATOM   17 C CB  . PHE A 1 3 ? -0.116 -5.904 -0.217 1.00 8.04  ? 3   PHE A CB  1 
ATOM   18 C CG  . PHE A 1 3 ? 0.503  -6.800 -1.223 1.00 7.82  ? 3   PHE A CG  1 
ATOM   19 C CD1 . PHE A 1 3 ? -0.220 -7.146 -2.320 1.00 9.63  ? 3   PHE A CD1 1 
ATOM   20 C CD2 . PHE A 1 3 ? 1.821  -7.212 -1.133 1.00 8.03  ? 3   PHE A CD2 1 
ATOM   21 C CE1 . PHE A 1 3 ? 0.327  -7.938 -3.300 1.00 9.97  ? 3   PHE A CE1 1 
ATOM   22 C CE2 . PHE A 1 3 ? 2.383  -8.007 -2.106 1.00 9.10  ? 3   PHE A CE2 1 
ATOM   23 C CZ  . PHE A 1 3 ? 1.636  -8.367 -3.194 1.00 8.54  ? 3   PHE A CZ  1 
ATOM   24 N N   . SER A 1 4 ? -0.378 -2.487 0.563  1.00 7.69  ? 4   SER A N   1 
ATOM   25 C CA  . SER A 1 4 ? -0.805 -1.646 1.650  1.00 7.58  ? 4   SER A CA  1 
ATOM   26 C C   . SER A 1 4 ? -2.042 -0.833 1.353  1.00 7.25  ? 4   SER A C   1 
ATOM   27 O O   . SER A 1 4 ? -2.316 -0.559 0.216  1.00 8.36  ? 4   SER A O   1 
ATOM   28 C CB  . SER A 1 4 ? 0.335  -0.718 1.973  1.00 6.93  ? 4   SER A CB  1 
ATOM   29 O OG  . SER A 1 4 ? 1.506  -1.485 2.113  1.00 7.87  ? 4   SER A OG  1 
HETATM 30 N N   . AIB A 1 5 ? -2.763 -0.434 2.399  1.00 7.10  ? 5   AIB A N   1 
HETATM 31 C CA  . AIB A 1 5 ? -3.877 0.517  2.298  1.00 7.26  ? 5   AIB A CA  1 
HETATM 32 C C   . AIB A 1 5 ? -3.426 1.768  1.551  1.00 7.62  ? 5   AIB A C   1 
HETATM 33 O O   . AIB A 1 5 ? -4.136 2.312  0.706  1.00 7.95  ? 5   AIB A O   1 
HETATM 34 C CB1 . AIB A 1 5 ? -5.054 -0.176 1.637  1.00 7.20  ? 5   AIB A CB1 1 
HETATM 35 C CB2 . AIB A 1 5 ? -4.326 0.922  3.691  1.00 7.42  ? 5   AIB A CB2 1 
ATOM   36 N N   . PHE A 1 6 ? -2.232 2.247  1.885  1.00 8.13  ? 6   PHE A N   1 
ATOM   37 C CA  . PHE A 1 6 ? -1.586 3.365  1.194  1.00 7.66  ? 6   PHE A CA  1 
ATOM   38 C C   . PHE A 1 6 ? -0.120 3.283  1.595  1.00 7.89  ? 6   PHE A C   1 
ATOM   39 O O   . PHE A 1 6 ? 0.192  2.560  2.531  1.00 8.00  ? 6   PHE A O   1 
ATOM   40 C CB  . PHE A 1 6 ? -2.227 4.710  1.576  1.00 7.89  ? 6   PHE A CB  1 
ATOM   41 C CG  . PHE A 1 6 ? -2.304 4.927  3.040  1.00 8.43  ? 6   PHE A CG  1 
ATOM   42 C CD1 . PHE A 1 6 ? -1.316 5.632  3.685  1.00 10.53 ? 6   PHE A CD1 1 
ATOM   43 C CD2 . PHE A 1 6 ? -3.341 4.387  3.784  1.00 8.97  ? 6   PHE A CD2 1 
ATOM   44 C CE1 . PHE A 1 6 ? -1.368 5.810  5.047  1.00 11.90 ? 6   PHE A CE1 1 
ATOM   45 C CE2 . PHE A 1 6 ? -3.388 4.561  5.146  1.00 9.56  ? 6   PHE A CE2 1 
ATOM   46 C CZ  . PHE A 1 6 ? -2.402 5.276  5.778  1.00 10.33 ? 6   PHE A CZ  1 
HETATM 47 N N   . AIB A 1 7 ? 0.762  3.969  0.865  1.00 7.63  ? 7   AIB A N   1 
HETATM 48 C CA  . AIB A 1 7 ? 2.203  4.002  1.176  1.00 7.99  ? 7   AIB A CA  1 
HETATM 49 C C   . AIB A 1 7 ? 2.815  2.617  1.253  1.00 9.25  ? 7   AIB A C   1 
HETATM 50 O O   . AIB A 1 7 ? 3.576  2.295  2.142  1.00 9.48  ? 7   AIB A O   1 
HETATM 51 O OXT . AIB A 1 7 ? 2.584  1.761  0.401  1.00 9.53  ? 7   AIB A OXT 1 
HETATM 52 C CB1 . AIB A 1 7 ? 2.965  4.793  0.108  1.00 8.35  ? 7   AIB A CB1 1 
HETATM 53 C CB2 . AIB A 1 7 ? 2.355  4.747  2.481  1.00 8.10  ? 7   AIB A CB2 1 
HETATM 54 O O   . HOH B 2 . ? 3.968  -0.519 -5.319 1.00 13.42 ? 101 HOH A O   1 
HETATM 55 O O   . HOH B 2 . ? -3.592 -5.642 -0.738 1.00 12.04 ? 102 HOH A O   1 
# 
loop_
_atom_site_anisotrop.id 
_atom_site_anisotrop.type_symbol 
_atom_site_anisotrop.pdbx_label_atom_id 
_atom_site_anisotrop.pdbx_label_alt_id 
_atom_site_anisotrop.pdbx_label_comp_id 
_atom_site_anisotrop.pdbx_label_asym_id 
_atom_site_anisotrop.pdbx_label_seq_id 
_atom_site_anisotrop.pdbx_PDB_ins_code 
_atom_site_anisotrop.U[1][1] 
_atom_site_anisotrop.U[2][2] 
_atom_site_anisotrop.U[3][3] 
_atom_site_anisotrop.U[1][2] 
_atom_site_anisotrop.U[1][3] 
_atom_site_anisotrop.U[2][3] 
_atom_site_anisotrop.pdbx_auth_seq_id 
_atom_site_anisotrop.pdbx_auth_comp_id 
_atom_site_anisotrop.pdbx_auth_asym_id 
_atom_site_anisotrop.pdbx_auth_atom_id 
1  N N   . SER A 1 ? 0.1126 0.1004 0.1218 0.0029  0.0026  0.0154  1   SER A N   
2  C CA  . SER A 1 ? 0.1178 0.1110 0.1211 -0.0042 0.0035  0.0028  1   SER A CA  
3  C C   . SER A 1 ? 0.1123 0.1075 0.1167 0.0004  0.0068  -0.0010 1   SER A C   
4  O O   . SER A 1 ? 0.1008 0.0978 0.1067 -0.0049 -0.0017 -0.0128 1   SER A O   
5  C CB  . SER A 1 ? 0.1175 0.1206 0.1288 -0.0057 0.0110  0.0075  1   SER A CB  
6  O OG  . SER A 1 ? 0.1187 0.1326 0.1345 -0.0088 -0.0057 -0.0048 1   SER A OG  
7  N N   . AIB A 2 ? 0.1012 0.1058 0.1031 -0.0024 0.0021  0.0035  2   AIB A N   
8  C CA  . AIB A 2 ? 0.0923 0.1029 0.1186 0.0041  0.0026  -0.0030 2   AIB A CA  
9  C C   . AIB A 2 ? 0.0915 0.0994 0.1000 0.0070  0.0015  -0.0045 2   AIB A C   
10 O O   . AIB A 2 ? 0.0902 0.0994 0.1053 0.0171  0.0071  -0.0009 2   AIB A O   
11 C CB1 . AIB A 2 ? 0.1036 0.1017 0.1062 0.0044  0.0043  0.0062  2   AIB A CB1 
12 C CB2 . AIB A 2 ? 0.1009 0.1046 0.1111 0.0087  0.0035  0.0026  2   AIB A CB2 
13 N N   . PHE A 3 ? 0.0880 0.0910 0.1025 0.0029  -0.0029 -0.0045 3   PHE A N   
14 C CA  . PHE A 3 ? 0.0951 0.0917 0.0986 -0.0010 -0.0007 -0.0007 3   PHE A CA  
15 C C   . PHE A 3 ? 0.1186 0.0962 0.0872 -0.0115 0.0113  0.0024  3   PHE A C   
16 O O   . PHE A 3 ? 0.1177 0.0972 0.1203 0.0025  0.0251  0.0152  3   PHE A O   
17 C CB  . PHE A 3 ? 0.1103 0.0939 0.1013 -0.0048 -0.0034 0.0032  3   PHE A CB  
18 C CG  . PHE A 3 ? 0.1136 0.0865 0.0970 -0.0036 0.0027  0.0125  3   PHE A CG  
19 C CD1 . PHE A 3 ? 0.1065 0.1276 0.1318 0.0022  -0.0124 -0.0153 3   PHE A CD1 
20 C CD2 . PHE A 3 ? 0.1099 0.0871 0.1082 -0.0098 0.0005  0.0036  3   PHE A CD2 
21 C CE1 . PHE A 3 ? 0.1228 0.1248 0.1313 0.0157  -0.0111 -0.0106 3   PHE A CE1 
22 C CE2 . PHE A 3 ? 0.1029 0.1083 0.1343 -0.0070 0.0075  -0.0109 3   PHE A CE2 
23 C CZ  . PHE A 3 ? 0.1193 0.0871 0.1180 0.0052  -0.0004 0.0113  3   PHE A CZ  
24 N N   . SER A 4 ? 0.1057 0.0943 0.0920 -0.0046 0.0079  -0.0005 4   SER A N   
25 C CA  . SER A 4 ? 0.1000 0.0936 0.0944 -0.0006 0.0032  -0.0024 4   SER A CA  
26 C C   . SER A 4 ? 0.0977 0.0841 0.0938 -0.0042 0.0068  -0.0045 4   SER A C   
27 O O   . SER A 4 ? 0.1092 0.1075 0.1007 0.0053  -0.0003 0.0064  4   SER A O   
28 C CB  . SER A 4 ? 0.0882 0.0961 0.0789 0.0091  -0.0053 -0.0024 4   SER A CB  
29 O OG  . SER A 4 ? 0.0955 0.1062 0.0973 0.0174  -0.0108 0.0048  4   SER A OG  
30 N N   . AIB A 5 ? 0.0944 0.0903 0.0850 -0.0016 0.0032  0.0013  5   AIB A N   
31 C CA  . AIB A 5 ? 0.0970 0.0885 0.0901 -0.0009 -0.0031 -0.0004 5   AIB A CA  
32 C C   . AIB A 5 ? 0.1090 0.0896 0.0909 0.0025  0.0048  0.0011  5   AIB A C   
33 O O   . AIB A 5 ? 0.1130 0.0835 0.1053 0.0148  0.0042  0.0011  5   AIB A O   
34 C CB1 . AIB A 5 ? 0.0865 0.0933 0.0939 0.0023  -0.0045 0.0092  5   AIB A CB1 
35 C CB2 . AIB A 5 ? 0.0955 0.0969 0.0893 0.0049  -0.0025 0.0006  5   AIB A CB2 
36 N N   . PHE A 6 ? 0.1090 0.0968 0.1027 -0.0020 0.0032  0.0109  6   PHE A N   
37 C CA  . PHE A 6 ? 0.1106 0.0870 0.0931 0.0100  0.0056  0.0115  6   PHE A CA  
38 C C   . PHE A 6 ? 0.1121 0.0792 0.1085 0.0029  0.0015  0.0028  6   PHE A C   
39 O O   . PHE A 6 ? 0.0968 0.0971 0.1097 -0.0048 -0.0054 0.0085  6   PHE A O   
40 C CB  . PHE A 6 ? 0.1044 0.0917 0.1035 0.0067  0.0062  -0.0004 6   PHE A CB  
41 C CG  . PHE A 6 ? 0.1155 0.1036 0.1010 0.0004  0.0008  0.0060  6   PHE A CG  
42 C CD1 . PHE A 6 ? 0.1168 0.1400 0.1430 -0.0182 0.0056  -0.0107 6   PHE A CD1 
43 C CD2 . PHE A 6 ? 0.1065 0.1105 0.1236 0.0027  0.0110  -0.0054 6   PHE A CD2 
44 C CE1 . PHE A 6 ? 0.1361 0.1699 0.1459 -0.0282 0.0172  -0.0233 6   PHE A CE1 
45 C CE2 . PHE A 6 ? 0.1206 0.1209 0.1215 0.0035  0.0064  0.0017  6   PHE A CE2 
46 C CZ  . PHE A 6 ? 0.1224 0.1499 0.1198 -0.0029 0.0001  0.0042  6   PHE A CZ  
47 N N   . AIB A 7 ? 0.1059 0.0740 0.1097 0.0066  0.0008  0.0019  7   AIB A N   
48 C CA  . AIB A 7 ? 0.1083 0.0929 0.1022 -0.0057 -0.0029 0.0108  7   AIB A CA  
49 C C   . AIB A 7 ? 0.1082 0.1037 0.1393 0.0063  -0.0036 0.0029  7   AIB A C   
50 O O   . AIB A 7 ? 0.0980 0.1412 0.1209 0.0143  0.0127  0.0026  7   AIB A O   
51 O OXT . AIB A 7 ? 0.1235 0.1051 0.1334 0.0029  -0.0008 0.0036  7   AIB A OXT 
52 C CB1 . AIB A 7 ? 0.1127 0.0954 0.1090 -0.0056 -0.0039 0.0176  7   AIB A CB1 
53 C CB2 . AIB A 7 ? 0.1098 0.0898 0.1082 0.0036  -0.0017 0.0054  7   AIB A CB2 
54 O O   . HOH B . ? 0.1352 0.1951 0.1794 -0.0091 0.0376  0.0339  101 HOH A O   
55 O O   . HOH B . ? 0.1421 0.1422 0.1732 0.0280  0.0145  0.0660  102 HOH A O   
# 
